data_4QWP
#
_entry.id   4QWP
#
_cell.length_a   62.235
_cell.length_b   40.885
_cell.length_c   105.313
_cell.angle_alpha   90.00
_cell.angle_beta   106.83
_cell.angle_gamma   90.00
#
_symmetry.space_group_name_H-M   'P 1 21 1'
#
loop_
_entity.id
_entity.type
_entity.pdbx_description
1 polymer Chitosanase
2 branched 2-amino-2-deoxy-beta-D-glucopyranose-(1-4)-2-amino-2-deoxy-beta-D-glucopyranose
3 branched 2-amino-2-deoxy-beta-D-glucopyranose-(1-4)-2-amino-2-deoxy-beta-D-glucopyranose-(1-4)-2-amino-2-deoxy-beta-D-glucopyranose
4 non-polymer 'ACETATE ION'
5 non-polymer GLYCEROL
6 water water
#
_entity_poly.entity_id   1
_entity_poly.type   'polypeptide(L)'
_entity_poly.pdbx_seq_one_letter_code
;GPLGSPEFETAGTVDLDAPVQKDTAMSLVSSFENSSTDWQAQYGYLEDIAAGRGYTGGLIGFTSGTGDMLELVRAYSASS
PGNPLEQYIPALEAVNGTDSHAGLGQGFEQAWADAAETSEFRAAQDAERDRVYFDPAVAQGKADGLSALGQFAYYDTLVV
HGPGSQRDAFGGIRAEALSAALPPSQGGDETEYLEAFFDARNVIMREEPAHADTSRIDTAQRVFLQNGNFDLERPLTWSV
YGDQYSLN
;
_entity_poly.pdbx_strand_id   A,B
#
loop_
_chem_comp.id
_chem_comp.type
_chem_comp.name
_chem_comp.formula
ACT non-polymer 'ACETATE ION' 'C2 H3 O2 -1'
GCS D-saccharide, beta linking 2-amino-2-deoxy-beta-D-glucopyranose 'C6 H13 N O5'
GOL non-polymer GLYCEROL 'C3 H8 O3'
#
# COMPACT_ATOMS: atom_id res chain seq x y z
N GLY A 12 13.84 -19.62 5.86
CA GLY A 12 15.13 -19.05 5.56
C GLY A 12 16.30 -19.87 6.05
N THR A 13 17.50 -19.50 5.63
CA THR A 13 18.71 -20.26 5.89
C THR A 13 19.94 -19.45 6.32
N VAL A 14 19.83 -18.14 6.26
CA VAL A 14 20.95 -17.21 6.46
C VAL A 14 20.40 -15.97 7.18
N ASP A 15 21.21 -15.27 7.97
CA ASP A 15 20.65 -14.08 8.60
C ASP A 15 21.04 -12.83 7.80
N LEU A 16 20.45 -11.68 8.18
CA LEU A 16 20.72 -10.44 7.43
C LEU A 16 22.13 -9.95 7.67
N ASP A 17 22.77 -10.41 8.73
CA ASP A 17 24.11 -9.96 9.00
C ASP A 17 25.21 -10.77 8.28
N ALA A 18 24.82 -11.73 7.49
CA ALA A 18 25.81 -12.41 6.63
C ALA A 18 26.37 -11.33 5.67
N PRO A 19 27.61 -11.48 5.22
CA PRO A 19 28.24 -10.34 4.49
C PRO A 19 27.47 -9.94 3.21
N VAL A 20 26.96 -10.91 2.42
CA VAL A 20 26.29 -10.51 1.16
C VAL A 20 24.95 -9.89 1.50
N GLN A 21 24.23 -10.51 2.43
CA GLN A 21 22.90 -10.00 2.81
C GLN A 21 23.01 -8.58 3.40
N LYS A 22 24.05 -8.34 4.18
CA LYS A 22 24.21 -7.00 4.81
C LYS A 22 24.44 -6.00 3.70
N ASP A 23 25.33 -6.28 2.78
CA ASP A 23 25.50 -5.38 1.65
C ASP A 23 24.24 -5.10 0.85
N THR A 24 23.46 -6.16 0.59
CA THR A 24 22.16 -6.02 -0.05
C THR A 24 21.25 -5.10 0.78
N ALA A 25 21.21 -5.27 2.11
CA ALA A 25 20.42 -4.38 3.01
C ALA A 25 20.82 -2.94 2.86
N MET A 26 22.15 -2.68 2.78
CA MET A 26 22.57 -1.28 2.71
C MET A 26 22.12 -0.68 1.37
N SER A 27 22.18 -1.45 0.30
CA SER A 27 21.74 -0.96 -1.02
C SER A 27 20.24 -0.73 -1.08
N LEU A 28 19.48 -1.59 -0.43
CA LEU A 28 18.02 -1.39 -0.39
C LEU A 28 17.71 -0.10 0.37
N VAL A 29 18.30 0.08 1.56
CA VAL A 29 18.02 1.30 2.29
C VAL A 29 18.54 2.54 1.55
N SER A 30 19.70 2.48 0.88
N SER A 30 19.67 2.47 0.85
CA SER A 30 20.10 3.69 0.14
CA SER A 30 20.07 3.67 0.12
C SER A 30 19.11 4.01 -1.03
C SER A 30 19.18 3.99 -1.09
N SER A 31 18.53 2.97 -1.65
CA SER A 31 17.55 3.24 -2.68
C SER A 31 16.38 4.03 -2.06
N PHE A 32 16.00 3.69 -0.84
CA PHE A 32 14.83 4.35 -0.19
C PHE A 32 15.18 5.75 0.32
N GLU A 33 16.43 5.92 0.76
CA GLU A 33 16.79 7.17 1.41
C GLU A 33 17.32 8.14 0.36
N ASN A 34 17.98 7.65 -0.67
CA ASN A 34 18.68 8.55 -1.60
C ASN A 34 18.46 8.21 -3.07
N SER A 35 17.60 7.25 -3.35
CA SER A 35 17.35 6.88 -4.78
C SER A 35 18.64 6.43 -5.50
N SER A 36 19.48 5.66 -4.79
CA SER A 36 20.67 5.06 -5.44
C SER A 36 21.02 3.80 -4.71
N THR A 37 21.38 2.73 -5.44
CA THR A 37 21.90 1.51 -4.75
C THR A 37 23.38 1.67 -4.33
N ASP A 38 24.00 2.78 -4.68
CA ASP A 38 25.43 2.96 -4.34
C ASP A 38 25.53 3.55 -2.92
N TRP A 39 25.38 2.68 -1.92
CA TRP A 39 25.28 3.12 -0.58
C TRP A 39 26.52 3.80 -0.08
N GLN A 40 27.72 3.40 -0.55
CA GLN A 40 28.94 4.05 -0.08
C GLN A 40 29.13 5.48 -0.56
N ALA A 41 28.33 5.90 -1.55
CA ALA A 41 28.29 7.33 -2.00
C ALA A 41 27.43 8.18 -1.10
N GLN A 42 26.87 7.64 -0.03
CA GLN A 42 25.86 8.39 0.76
C GLN A 42 26.37 8.87 2.12
N TYR A 43 27.61 8.54 2.49
CA TYR A 43 28.12 9.01 3.80
C TYR A 43 28.11 10.55 3.90
N GLY A 44 28.35 11.21 2.79
CA GLY A 44 28.31 12.66 2.77
C GLY A 44 26.98 13.34 2.59
N TYR A 45 25.89 12.55 2.50
CA TYR A 45 24.58 13.17 2.32
C TYR A 45 24.29 14.08 3.50
N LEU A 46 23.74 15.26 3.22
CA LEU A 46 23.36 16.16 4.29
C LEU A 46 22.33 17.14 3.72
N GLU A 47 21.11 17.12 4.29
CA GLU A 47 20.01 17.92 3.77
C GLU A 47 19.00 18.20 4.88
N ASP A 48 18.36 19.38 4.90
CA ASP A 48 17.17 19.49 5.77
C ASP A 48 16.01 19.22 4.80
N ILE A 49 15.34 18.07 4.95
CA ILE A 49 14.22 17.69 4.09
C ILE A 49 12.89 18.28 4.56
N ALA A 50 12.96 19.22 5.53
CA ALA A 50 11.83 20.09 5.89
C ALA A 50 10.64 19.26 6.43
N ALA A 51 10.98 18.16 7.11
CA ALA A 51 9.96 17.41 7.80
C ALA A 51 9.96 17.61 9.31
N GLY A 52 10.75 18.57 9.79
CA GLY A 52 10.79 18.91 11.23
C GLY A 52 11.90 18.22 12.03
N ARG A 53 12.85 17.56 11.38
CA ARG A 53 13.95 16.91 12.09
C ARG A 53 15.27 17.66 11.98
N GLY A 54 15.27 18.82 11.28
CA GLY A 54 16.49 19.62 11.15
C GLY A 54 17.33 19.06 10.00
N TYR A 55 18.61 18.87 10.28
CA TYR A 55 19.48 18.26 9.28
C TYR A 55 19.32 16.72 9.32
N THR A 56 19.24 16.13 8.15
CA THR A 56 19.31 14.70 8.02
C THR A 56 20.64 14.36 7.26
N GLY A 57 21.41 13.39 7.72
CA GLY A 57 22.75 13.23 7.18
C GLY A 57 23.16 11.77 7.13
N GLY A 58 24.08 11.45 6.21
CA GLY A 58 24.78 10.14 6.28
C GLY A 58 23.93 8.99 5.77
N LEU A 59 24.43 7.77 5.97
CA LEU A 59 23.86 6.58 5.37
C LEU A 59 22.42 6.33 5.65
N ILE A 60 21.98 6.59 6.90
CA ILE A 60 20.64 6.21 7.30
C ILE A 60 19.84 7.40 7.84
N GLY A 61 20.33 8.62 7.54
CA GLY A 61 19.57 9.80 7.93
C GLY A 61 19.60 10.08 9.42
N PHE A 62 20.78 10.12 10.03
CA PHE A 62 21.02 10.63 11.33
C PHE A 62 20.48 12.07 11.35
N THR A 63 19.79 12.47 12.42
CA THR A 63 19.32 13.88 12.39
C THR A 63 19.76 14.75 13.59
N SER A 64 19.80 16.06 13.35
CA SER A 64 20.17 17.01 14.39
C SER A 64 19.00 17.18 15.35
N GLY A 65 17.76 16.92 14.91
CA GLY A 65 16.59 17.10 15.83
C GLY A 65 16.36 15.95 16.79
N THR A 66 16.84 14.74 16.44
CA THR A 66 16.42 13.57 17.22
C THR A 66 17.54 12.96 18.11
N GLY A 67 18.70 13.61 18.20
CA GLY A 67 19.77 13.12 19.08
C GLY A 67 20.83 12.22 18.43
N ASP A 68 20.53 11.58 17.29
CA ASP A 68 21.52 10.58 16.82
C ASP A 68 22.66 11.15 15.98
N MET A 69 22.45 12.30 15.32
CA MET A 69 23.55 13.00 14.70
C MET A 69 24.57 13.46 15.78
N LEU A 70 24.03 13.93 16.91
CA LEU A 70 24.88 14.33 18.01
C LEU A 70 25.71 13.19 18.55
N GLU A 71 25.08 12.04 18.69
CA GLU A 71 25.70 10.88 19.26
C GLU A 71 26.83 10.48 18.31
N LEU A 72 26.56 10.59 17.01
CA LEU A 72 27.50 10.16 16.02
C LEU A 72 28.72 11.12 16.09
N VAL A 73 28.45 12.42 16.10
CA VAL A 73 29.59 13.36 16.06
C VAL A 73 30.46 13.26 17.35
N ARG A 74 29.80 13.11 18.50
CA ARG A 74 30.52 12.82 19.77
C ARG A 74 31.40 11.57 19.66
N ALA A 75 30.84 10.48 19.13
CA ALA A 75 31.63 9.25 19.02
C ALA A 75 32.80 9.41 18.02
N TYR A 76 32.57 10.13 16.94
CA TYR A 76 33.59 10.45 15.94
C TYR A 76 34.72 11.24 16.60
N SER A 77 34.32 12.14 17.48
CA SER A 77 35.30 13.03 18.15
C SER A 77 36.08 12.27 19.20
N ALA A 78 35.46 11.27 19.81
CA ALA A 78 36.23 10.40 20.75
C ALA A 78 37.29 9.61 20.00
N SER A 79 36.91 9.11 18.82
CA SER A 79 37.79 8.22 18.09
C SER A 79 38.79 9.04 17.27
N SER A 80 38.40 10.24 16.87
CA SER A 80 39.23 11.10 16.02
C SER A 80 39.27 12.57 16.50
N PRO A 81 40.05 12.83 17.58
CA PRO A 81 40.08 14.17 18.13
C PRO A 81 40.54 15.21 17.10
N GLY A 82 39.94 16.39 17.17
CA GLY A 82 40.32 17.51 16.32
C GLY A 82 39.74 17.52 14.93
N ASN A 83 38.86 16.56 14.63
CA ASN A 83 38.23 16.46 13.30
C ASN A 83 37.39 17.73 12.99
N PRO A 84 36.99 17.94 11.72
CA PRO A 84 36.33 19.26 11.51
C PRO A 84 34.93 19.41 12.08
N LEU A 85 34.30 18.29 12.45
CA LEU A 85 32.94 18.38 13.04
C LEU A 85 32.94 18.69 14.54
N GLU A 86 34.02 18.38 15.25
CA GLU A 86 34.01 18.49 16.71
C GLU A 86 33.61 19.87 17.24
N GLN A 87 33.97 20.94 16.55
CA GLN A 87 33.68 22.29 17.05
C GLN A 87 32.16 22.57 17.02
N TYR A 88 31.41 21.72 16.27
CA TYR A 88 29.96 21.94 16.14
C TYR A 88 29.19 21.16 17.22
N ILE A 89 29.91 20.49 18.10
CA ILE A 89 29.27 19.70 19.16
C ILE A 89 28.38 20.55 20.04
N PRO A 90 28.88 21.72 20.52
CA PRO A 90 27.99 22.60 21.29
C PRO A 90 26.72 23.01 20.54
N ALA A 91 26.80 23.34 19.25
CA ALA A 91 25.60 23.73 18.49
C ALA A 91 24.62 22.54 18.39
N LEU A 92 25.15 21.34 18.14
CA LEU A 92 24.28 20.15 18.00
C LEU A 92 23.58 19.83 19.34
N GLU A 93 24.29 20.05 20.46
CA GLU A 93 23.69 19.90 21.76
C GLU A 93 22.52 20.89 21.95
N ALA A 94 22.77 22.13 21.55
CA ALA A 94 21.82 23.21 21.65
C ALA A 94 20.55 23.04 20.78
N VAL A 95 20.69 22.55 19.53
CA VAL A 95 19.50 22.36 18.69
C VAL A 95 18.81 21.00 18.84
N ASN A 96 19.44 20.07 19.56
CA ASN A 96 18.85 18.75 19.75
C ASN A 96 17.43 18.96 20.29
N GLY A 97 16.45 18.21 19.76
CA GLY A 97 15.06 18.37 20.14
C GLY A 97 14.26 19.41 19.35
N THR A 98 14.93 20.09 18.42
CA THR A 98 14.28 21.11 17.60
C THR A 98 14.78 20.92 16.17
N ASP A 99 14.13 21.58 15.19
CA ASP A 99 14.65 21.52 13.83
C ASP A 99 15.51 22.76 13.43
N SER A 100 16.06 23.42 14.43
CA SER A 100 16.87 24.68 14.22
C SER A 100 18.25 24.36 13.61
N HIS A 101 18.76 25.25 12.75
CA HIS A 101 20.13 25.12 12.25
C HIS A 101 21.07 26.06 13.03
N ALA A 102 20.59 26.72 14.04
CA ALA A 102 21.42 27.67 14.74
C ALA A 102 22.80 27.14 15.13
N GLY A 103 23.82 27.90 14.78
CA GLY A 103 25.17 27.52 15.14
C GLY A 103 25.81 26.55 14.18
N LEU A 104 25.06 26.14 13.17
CA LEU A 104 25.54 25.19 12.21
C LEU A 104 25.72 25.85 10.85
N GLY A 105 24.87 25.62 9.87
CA GLY A 105 25.00 26.44 8.64
C GLY A 105 26.13 25.98 7.72
N GLN A 106 26.55 26.87 6.82
CA GLN A 106 27.52 26.50 5.77
C GLN A 106 28.82 25.92 6.34
N GLY A 107 29.30 26.45 7.46
CA GLY A 107 30.59 25.92 8.04
C GLY A 107 30.43 24.48 8.47
N PHE A 108 29.26 24.20 9.06
CA PHE A 108 28.94 22.82 9.47
C PHE A 108 28.72 21.90 8.27
N GLU A 109 28.05 22.43 7.24
CA GLU A 109 27.78 21.65 6.02
C GLU A 109 29.09 21.30 5.31
N GLN A 110 30.03 22.24 5.32
CA GLN A 110 31.35 22.01 4.69
C GLN A 110 32.19 21.07 5.51
N ALA A 111 32.10 21.19 6.84
CA ALA A 111 32.86 20.27 7.72
C ALA A 111 32.32 18.83 7.58
N TRP A 112 31.02 18.70 7.32
CA TRP A 112 30.44 17.35 7.12
C TRP A 112 31.02 16.77 5.82
N ALA A 113 31.09 17.62 4.81
CA ALA A 113 31.55 17.18 3.51
C ALA A 113 33.00 16.72 3.63
N ASP A 114 33.78 17.51 4.35
CA ASP A 114 35.22 17.22 4.62
C ASP A 114 35.36 15.89 5.40
N ALA A 115 34.57 15.74 6.47
CA ALA A 115 34.67 14.55 7.36
C ALA A 115 34.29 13.30 6.54
N ALA A 116 33.29 13.45 5.68
CA ALA A 116 32.82 12.31 4.88
C ALA A 116 33.86 11.76 3.91
N GLU A 117 34.90 12.52 3.58
CA GLU A 117 36.05 11.99 2.81
C GLU A 117 37.03 11.10 3.60
N THR A 118 36.82 10.96 4.90
CA THR A 118 37.80 10.25 5.72
C THR A 118 37.26 8.85 6.09
N SER A 119 38.18 7.89 6.24
CA SER A 119 37.89 6.58 6.83
C SER A 119 37.24 6.65 8.17
N GLU A 120 37.71 7.59 8.99
CA GLU A 120 37.32 7.60 10.36
C GLU A 120 35.86 8.04 10.51
N PHE A 121 35.42 9.02 9.72
CA PHE A 121 34.00 9.42 9.81
C PHE A 121 33.12 8.29 9.26
N ARG A 122 33.55 7.67 8.17
CA ARG A 122 32.79 6.57 7.58
C ARG A 122 32.67 5.44 8.57
N ALA A 123 33.75 5.16 9.30
CA ALA A 123 33.68 4.13 10.35
C ALA A 123 32.76 4.47 11.47
N ALA A 124 32.71 5.76 11.83
CA ALA A 124 31.84 6.24 12.92
C ALA A 124 30.38 6.07 12.50
N GLN A 125 30.05 6.44 11.25
CA GLN A 125 28.68 6.20 10.75
C GLN A 125 28.31 4.71 10.80
N ASP A 126 29.27 3.87 10.41
CA ASP A 126 29.01 2.44 10.33
C ASP A 126 28.70 1.95 11.72
N ALA A 127 29.50 2.37 12.68
CA ALA A 127 29.32 1.95 14.08
C ALA A 127 28.00 2.37 14.71
N GLU A 128 27.62 3.61 14.46
CA GLU A 128 26.37 4.11 15.02
C GLU A 128 25.17 3.37 14.33
N ARG A 129 25.25 3.20 13.01
CA ARG A 129 24.26 2.39 12.25
C ARG A 129 24.12 1.00 12.85
N ASP A 130 25.24 0.37 13.11
CA ASP A 130 25.15 -1.01 13.60
C ASP A 130 24.69 -1.09 15.03
N ARG A 131 25.20 -0.20 15.91
CA ARG A 131 24.81 -0.27 17.35
C ARG A 131 23.33 0.00 17.65
N VAL A 132 22.79 1.00 16.97
CA VAL A 132 21.47 1.52 17.28
C VAL A 132 20.36 0.90 16.36
N TYR A 133 20.70 0.59 15.11
CA TYR A 133 19.67 0.27 14.12
C TYR A 133 19.85 -1.17 13.59
N PHE A 134 21.02 -1.50 13.04
CA PHE A 134 21.10 -2.75 12.34
C PHE A 134 21.22 -3.97 13.25
N ASP A 135 22.12 -3.90 14.24
CA ASP A 135 22.28 -5.13 15.06
C ASP A 135 21.02 -5.37 15.91
N PRO A 136 20.31 -4.26 16.41
CA PRO A 136 19.04 -4.52 17.16
C PRO A 136 17.95 -5.14 16.25
N ALA A 137 17.94 -4.81 14.96
CA ALA A 137 16.94 -5.36 14.03
C ALA A 137 17.24 -6.80 13.86
N VAL A 138 18.51 -7.16 13.69
CA VAL A 138 18.87 -8.55 13.45
C VAL A 138 18.58 -9.36 14.73
N ALA A 139 18.97 -8.85 15.90
CA ALA A 139 18.77 -9.64 17.13
C ALA A 139 17.27 -9.85 17.42
N GLN A 140 16.46 -8.80 17.30
CA GLN A 140 15.00 -8.96 17.52
C GLN A 140 14.34 -9.87 16.46
N GLY A 141 14.77 -9.73 15.19
CA GLY A 141 14.27 -10.63 14.12
C GLY A 141 14.56 -12.07 14.42
N LYS A 142 15.79 -12.34 14.81
CA LYS A 142 16.14 -13.71 15.14
C LYS A 142 15.38 -14.18 16.36
N ALA A 143 15.19 -13.31 17.38
CA ALA A 143 14.36 -13.74 18.58
C ALA A 143 12.91 -14.02 18.24
N ASP A 144 12.38 -13.35 17.23
CA ASP A 144 11.03 -13.63 16.72
C ASP A 144 10.94 -14.73 15.69
N GLY A 145 12.06 -15.37 15.38
CA GLY A 145 12.18 -16.46 14.44
C GLY A 145 12.08 -16.10 12.99
N LEU A 146 12.50 -14.90 12.67
CA LEU A 146 12.32 -14.40 11.30
C LEU A 146 13.52 -14.74 10.45
N SER A 147 13.24 -14.83 9.14
CA SER A 147 14.27 -14.94 8.07
C SER A 147 15.02 -13.61 7.90
N ALA A 148 16.04 -13.61 7.01
CA ALA A 148 16.69 -12.37 6.61
C ALA A 148 15.71 -11.30 6.14
N LEU A 149 14.67 -11.70 5.41
CA LEU A 149 13.73 -10.67 4.89
C LEU A 149 12.99 -10.04 6.07
N GLY A 150 12.63 -10.84 7.03
CA GLY A 150 11.95 -10.32 8.27
C GLY A 150 12.86 -9.37 9.05
N GLN A 151 14.12 -9.78 9.23
CA GLN A 151 15.14 -8.96 9.86
C GLN A 151 15.24 -7.63 9.10
N PHE A 152 15.22 -7.69 7.78
CA PHE A 152 15.30 -6.46 6.99
C PHE A 152 14.09 -5.55 7.19
N ALA A 153 12.93 -6.19 7.28
CA ALA A 153 11.67 -5.44 7.64
C ALA A 153 11.86 -4.66 8.95
N TYR A 154 12.46 -5.28 9.95
CA TYR A 154 12.68 -4.60 11.20
C TYR A 154 13.74 -3.50 11.03
N TYR A 155 14.82 -3.77 10.30
CA TYR A 155 15.88 -2.78 10.08
C TYR A 155 15.31 -1.53 9.38
N ASP A 156 14.54 -1.71 8.30
CA ASP A 156 14.02 -0.54 7.64
C ASP A 156 13.08 0.24 8.52
N THR A 157 12.37 -0.46 9.40
CA THR A 157 11.42 0.23 10.34
C THR A 157 12.24 1.05 11.35
N LEU A 158 13.33 0.45 11.81
CA LEU A 158 14.20 1.18 12.76
C LEU A 158 14.82 2.41 12.11
N VAL A 159 15.24 2.29 10.84
CA VAL A 159 15.84 3.42 10.11
C VAL A 159 14.85 4.60 10.05
N VAL A 160 13.61 4.31 9.70
CA VAL A 160 12.62 5.40 9.49
C VAL A 160 12.03 5.87 10.80
N HIS A 161 11.67 4.96 11.67
CA HIS A 161 10.84 5.33 12.82
C HIS A 161 11.61 5.39 14.11
N GLY A 162 12.79 4.79 14.08
CA GLY A 162 13.69 4.77 15.24
C GLY A 162 13.30 3.77 16.30
N PRO A 163 14.20 3.59 17.26
CA PRO A 163 13.89 2.69 18.38
C PRO A 163 12.96 3.39 19.37
N GLY A 164 12.30 2.55 20.16
CA GLY A 164 11.40 3.06 21.18
C GLY A 164 10.14 2.27 21.30
N SER A 165 9.44 2.38 22.46
CA SER A 165 8.28 1.51 22.63
C SER A 165 7.01 2.29 22.27
N GLN A 166 7.16 3.59 21.93
CA GLN A 166 5.96 4.38 21.53
C GLN A 166 5.33 3.81 20.29
N ARG A 167 4.05 4.12 20.09
CA ARG A 167 3.31 3.49 19.02
C ARG A 167 3.88 3.84 17.64
N ASP A 168 4.51 5.01 17.55
CA ASP A 168 5.14 5.39 16.29
C ASP A 168 6.61 5.04 16.09
N ALA A 169 7.19 4.26 17.02
CA ALA A 169 8.59 3.77 16.93
C ALA A 169 8.57 2.27 16.68
N PHE A 170 9.76 1.72 16.43
CA PHE A 170 9.86 0.30 16.08
C PHE A 170 9.14 -0.60 17.12
N GLY A 171 9.39 -0.39 18.41
CA GLY A 171 8.87 -1.31 19.45
C GLY A 171 7.34 -1.32 19.35
N GLY A 172 6.74 -0.13 19.16
CA GLY A 172 5.27 0.00 19.06
C GLY A 172 4.67 -0.63 17.84
N ILE A 173 5.39 -0.50 16.71
CA ILE A 173 4.95 -1.11 15.44
C ILE A 173 4.96 -2.64 15.59
N ARG A 174 6.07 -3.19 16.06
CA ARG A 174 6.20 -4.59 16.39
C ARG A 174 5.13 -5.05 17.37
N ALA A 175 4.81 -4.26 18.39
CA ALA A 175 3.72 -4.65 19.36
C ALA A 175 2.35 -4.77 18.66
N GLU A 176 2.08 -3.83 17.74
CA GLU A 176 0.84 -3.83 16.99
C GLU A 176 0.77 -5.06 16.05
N ALA A 177 1.89 -5.39 15.38
CA ALA A 177 1.94 -6.60 14.57
C ALA A 177 1.64 -7.84 15.41
N LEU A 178 2.29 -7.95 16.57
CA LEU A 178 2.16 -9.14 17.45
C LEU A 178 0.70 -9.27 17.90
N SER A 179 0.01 -8.15 18.07
CA SER A 179 -1.40 -8.22 18.47
C SER A 179 -2.28 -8.79 17.35
N ALA A 180 -1.82 -8.78 16.10
CA ALA A 180 -2.63 -9.20 14.97
C ALA A 180 -2.25 -10.59 14.48
N ALA A 181 -0.99 -10.98 14.65
CA ALA A 181 -0.49 -12.25 14.13
C ALA A 181 0.66 -12.77 15.01
N LEU A 182 0.75 -14.09 15.18
CA LEU A 182 1.83 -14.66 16.01
C LEU A 182 3.13 -14.72 15.23
N PRO A 183 4.29 -14.51 15.90
CA PRO A 183 5.45 -14.62 15.04
C PRO A 183 5.89 -16.09 14.95
N PRO A 184 6.84 -16.40 14.05
CA PRO A 184 7.31 -17.78 13.89
C PRO A 184 7.82 -18.41 15.19
N SER A 185 8.44 -17.61 16.06
CA SER A 185 9.02 -18.17 17.29
C SER A 185 7.93 -18.70 18.20
N GLN A 186 6.71 -18.24 18.01
CA GLN A 186 5.56 -18.71 18.76
C GLN A 186 4.63 -19.60 17.93
N GLY A 187 5.11 -20.19 16.84
CA GLY A 187 4.27 -21.09 16.06
C GLY A 187 3.57 -20.45 14.87
N GLY A 188 3.66 -19.12 14.71
CA GLY A 188 2.93 -18.47 13.60
C GLY A 188 3.65 -18.55 12.27
N ASP A 189 2.89 -18.41 11.21
CA ASP A 189 3.40 -18.45 9.86
C ASP A 189 4.12 -17.12 9.52
N GLU A 190 5.33 -17.21 8.96
CA GLU A 190 6.13 -15.97 8.72
C GLU A 190 5.42 -15.00 7.76
N THR A 191 4.83 -15.54 6.67
CA THR A 191 4.19 -14.65 5.71
C THR A 191 3.06 -13.86 6.34
N GLU A 192 2.19 -14.55 7.11
CA GLU A 192 1.07 -13.88 7.77
C GLU A 192 1.57 -12.84 8.79
N TYR A 193 2.67 -13.15 9.46
CA TYR A 193 3.22 -12.24 10.43
C TYR A 193 3.75 -10.96 9.73
N LEU A 194 4.53 -11.18 8.69
CA LEU A 194 5.11 -9.97 8.00
C LEU A 194 4.06 -9.13 7.27
N GLU A 195 2.99 -9.77 6.77
CA GLU A 195 1.89 -9.00 6.15
C GLU A 195 1.27 -8.13 7.26
N ALA A 196 1.07 -8.71 8.46
CA ALA A 196 0.58 -7.89 9.58
C ALA A 196 1.52 -6.78 9.98
N PHE A 197 2.81 -7.10 9.96
CA PHE A 197 3.81 -6.09 10.31
C PHE A 197 3.82 -4.94 9.31
N PHE A 198 3.79 -5.27 8.02
CA PHE A 198 3.78 -4.25 6.97
C PHE A 198 2.50 -3.43 7.07
N ASP A 199 1.38 -4.08 7.42
CA ASP A 199 0.11 -3.30 7.58
C ASP A 199 0.21 -2.29 8.76
N ALA A 200 0.73 -2.75 9.91
CA ALA A 200 0.94 -1.88 11.04
C ALA A 200 1.85 -0.70 10.71
N ARG A 201 2.97 -1.02 10.06
CA ARG A 201 3.93 0.02 9.70
C ARG A 201 3.29 1.08 8.76
N ASN A 202 2.47 0.64 7.79
CA ASN A 202 1.90 1.57 6.80
C ASN A 202 0.95 2.56 7.52
N VAL A 203 0.32 2.10 8.60
CA VAL A 203 -0.57 3.02 9.38
C VAL A 203 0.27 4.18 9.94
N ILE A 204 1.37 3.84 10.57
CA ILE A 204 2.29 4.87 11.10
C ILE A 204 2.90 5.76 10.00
N MET A 205 3.39 5.14 8.92
N MET A 205 3.34 5.16 8.90
CA MET A 205 3.95 5.93 7.82
CA MET A 205 3.94 5.97 7.81
C MET A 205 2.96 7.03 7.41
C MET A 205 2.97 7.00 7.24
N ARG A 206 1.69 6.66 7.23
CA ARG A 206 0.67 7.53 6.62
C ARG A 206 0.26 8.62 7.57
N GLU A 207 0.74 8.54 8.83
CA GLU A 207 0.46 9.61 9.82
C GLU A 207 1.36 10.81 9.71
N GLU A 208 2.42 10.74 8.89
CA GLU A 208 3.31 11.90 8.68
C GLU A 208 3.43 12.19 7.21
N PRO A 209 3.19 13.45 6.77
CA PRO A 209 3.22 13.68 5.29
C PRO A 209 4.53 13.31 4.64
N ALA A 210 5.67 13.53 5.29
CA ALA A 210 6.96 13.08 4.74
C ALA A 210 7.08 11.58 4.54
N HIS A 211 6.25 10.79 5.22
CA HIS A 211 6.37 9.32 5.15
C HIS A 211 5.16 8.72 4.47
N ALA A 212 4.29 9.55 3.93
CA ALA A 212 3.00 9.11 3.42
C ALA A 212 3.17 8.20 2.20
N ASP A 213 4.26 8.32 1.48
CA ASP A 213 4.55 7.43 0.33
C ASP A 213 5.15 6.14 0.86
N THR A 214 4.40 5.06 0.81
CA THR A 214 4.83 3.81 1.44
C THR A 214 5.44 2.87 0.43
N SER A 215 5.95 3.39 -0.69
CA SER A 215 6.48 2.45 -1.72
C SER A 215 7.65 1.54 -1.23
N ARG A 216 8.47 2.03 -0.29
CA ARG A 216 9.53 1.16 0.28
C ARG A 216 8.97 -0.14 0.79
N ILE A 217 7.72 -0.09 1.25
CA ILE A 217 7.03 -1.32 1.66
C ILE A 217 6.30 -1.90 0.47
N ASP A 218 5.41 -1.09 -0.10
CA ASP A 218 4.48 -1.70 -1.07
C ASP A 218 4.99 -2.13 -2.41
N THR A 219 6.07 -1.55 -2.91
CA THR A 219 6.65 -2.01 -4.15
C THR A 219 8.09 -2.53 -4.00
N ALA A 220 8.46 -2.84 -2.78
CA ALA A 220 9.74 -3.44 -2.54
C ALA A 220 9.57 -4.58 -1.52
N GLN A 221 9.47 -4.24 -0.25
CA GLN A 221 9.46 -5.29 0.77
C GLN A 221 8.32 -6.32 0.57
N ARG A 222 7.12 -5.83 0.31
CA ARG A 222 6.01 -6.72 0.04
C ARG A 222 6.24 -7.62 -1.19
N VAL A 223 6.95 -7.08 -2.17
CA VAL A 223 7.30 -7.81 -3.39
C VAL A 223 8.23 -9.01 -3.05
N PHE A 224 9.26 -8.75 -2.24
CA PHE A 224 10.19 -9.80 -1.87
C PHE A 224 9.39 -10.87 -1.12
N LEU A 225 8.46 -10.47 -0.26
CA LEU A 225 7.71 -11.44 0.48
C LEU A 225 6.82 -12.28 -0.47
N GLN A 226 6.16 -11.59 -1.40
CA GLN A 226 5.29 -12.28 -2.38
C GLN A 226 6.06 -13.31 -3.18
N ASN A 227 7.32 -12.99 -3.48
CA ASN A 227 8.19 -13.88 -4.24
C ASN A 227 8.77 -15.00 -3.38
N GLY A 228 8.52 -14.94 -2.07
CA GLY A 228 9.08 -15.92 -1.12
C GLY A 228 10.59 -15.78 -1.01
N ASN A 229 11.11 -14.57 -1.23
CA ASN A 229 12.53 -14.37 -1.10
C ASN A 229 12.98 -14.14 0.35
N PHE A 230 12.85 -15.16 1.16
CA PHE A 230 13.14 -15.07 2.58
C PHE A 230 14.58 -14.85 2.91
N ASP A 231 15.51 -15.28 2.05
CA ASP A 231 16.88 -15.06 2.33
C ASP A 231 17.42 -13.80 1.69
N LEU A 232 16.52 -13.03 1.10
CA LEU A 232 16.91 -11.83 0.45
C LEU A 232 18.09 -12.02 -0.52
N GLU A 233 17.99 -13.01 -1.35
CA GLU A 233 19.04 -13.30 -2.29
C GLU A 233 18.94 -12.54 -3.57
N ARG A 234 20.07 -12.26 -4.18
CA ARG A 234 20.10 -11.64 -5.48
C ARG A 234 19.93 -12.72 -6.53
N PRO A 235 19.41 -12.37 -7.69
CA PRO A 235 19.05 -11.01 -8.12
C PRO A 235 17.71 -10.52 -7.49
N LEU A 236 17.68 -9.23 -7.14
CA LEU A 236 16.51 -8.54 -6.61
C LEU A 236 16.15 -7.40 -7.53
N THR A 237 14.87 -7.18 -7.72
CA THR A 237 14.42 -6.04 -8.44
C THR A 237 13.27 -5.46 -7.62
N TRP A 238 13.17 -4.12 -7.61
CA TRP A 238 12.07 -3.47 -6.80
C TRP A 238 11.90 -2.07 -7.29
N SER A 239 10.89 -1.34 -6.77
CA SER A 239 10.72 0.04 -7.16
C SER A 239 10.53 0.85 -5.92
N VAL A 240 10.96 2.10 -5.94
CA VAL A 240 10.60 2.96 -4.83
C VAL A 240 10.44 4.35 -5.48
N TYR A 241 9.39 5.05 -5.06
CA TYR A 241 9.05 6.36 -5.65
C TYR A 241 8.81 6.22 -7.15
N GLY A 242 8.28 5.07 -7.57
CA GLY A 242 8.02 4.80 -8.99
C GLY A 242 9.26 4.58 -9.90
N ASP A 243 10.46 4.49 -9.33
CA ASP A 243 11.75 4.21 -10.07
C ASP A 243 12.14 2.77 -9.79
N GLN A 244 12.58 2.04 -10.82
CA GLN A 244 12.99 0.63 -10.65
C GLN A 244 14.49 0.51 -10.37
N TYR A 245 14.84 -0.48 -9.55
CA TYR A 245 16.21 -0.74 -9.15
C TYR A 245 16.47 -2.23 -9.20
N SER A 246 17.72 -2.62 -9.36
CA SER A 246 18.08 -4.03 -9.51
C SER A 246 19.41 -4.24 -8.84
N LEU A 247 19.56 -5.41 -8.25
CA LEU A 247 20.83 -5.83 -7.69
C LEU A 247 21.08 -7.18 -8.18
N ASN A 248 22.05 -7.29 -9.08
CA ASN A 248 22.58 -8.57 -9.46
C ASN A 248 23.74 -8.96 -8.49
N GLY B 12 -16.48 22.06 -19.60
CA GLY B 12 -17.41 21.16 -18.91
C GLY B 12 -16.92 20.56 -17.62
N THR B 13 -17.73 19.75 -16.97
CA THR B 13 -17.28 19.07 -15.72
C THR B 13 -16.61 17.76 -16.13
N VAL B 14 -15.43 17.37 -15.59
CA VAL B 14 -14.85 16.01 -15.89
C VAL B 14 -15.27 15.01 -14.80
N ASP B 15 -16.20 14.13 -15.13
CA ASP B 15 -16.65 13.15 -14.17
C ASP B 15 -16.33 11.72 -14.62
N LEU B 16 -16.53 10.79 -13.74
CA LEU B 16 -16.17 9.40 -14.09
C LEU B 16 -17.10 8.78 -15.13
N ASP B 17 -18.26 9.40 -15.33
CA ASP B 17 -19.18 8.88 -16.34
C ASP B 17 -18.93 9.42 -17.73
N ALA B 18 -17.86 10.20 -17.93
CA ALA B 18 -17.49 10.57 -19.32
C ALA B 18 -17.04 9.26 -20.01
N PRO B 19 -17.25 9.10 -21.34
CA PRO B 19 -16.94 7.85 -22.02
C PRO B 19 -15.48 7.35 -21.72
N VAL B 20 -14.46 8.23 -21.83
CA VAL B 20 -13.08 7.75 -21.59
C VAL B 20 -12.87 7.40 -20.12
N GLN B 21 -13.30 8.31 -19.21
CA GLN B 21 -13.09 8.00 -17.79
C GLN B 21 -13.84 6.76 -17.35
N LYS B 22 -15.02 6.51 -17.92
CA LYS B 22 -15.74 5.27 -17.54
C LYS B 22 -14.99 4.04 -18.06
N ASP B 23 -14.47 4.12 -19.32
CA ASP B 23 -13.69 3.02 -19.81
C ASP B 23 -12.44 2.79 -18.89
N THR B 24 -11.78 3.87 -18.45
CA THR B 24 -10.66 3.76 -17.56
C THR B 24 -11.11 3.06 -16.30
N ALA B 25 -12.26 3.47 -15.77
CA ALA B 25 -12.72 2.83 -14.51
C ALA B 25 -12.95 1.34 -14.70
N MET B 26 -13.47 0.93 -15.88
CA MET B 26 -13.74 -0.52 -16.08
C MET B 26 -12.42 -1.29 -16.16
N SER B 27 -11.42 -0.67 -16.80
CA SER B 27 -10.07 -1.32 -16.94
C SER B 27 -9.39 -1.41 -15.57
N LEU B 28 -9.59 -0.37 -14.72
CA LEU B 28 -8.97 -0.41 -13.41
C LEU B 28 -9.60 -1.55 -12.57
N VAL B 29 -10.92 -1.56 -12.55
CA VAL B 29 -11.57 -2.65 -11.77
C VAL B 29 -11.25 -4.03 -12.33
N SER B 30 -11.20 -4.18 -13.66
N SER B 30 -11.17 -4.14 -13.64
CA SER B 30 -10.82 -5.52 -14.16
CA SER B 30 -10.83 -5.48 -14.16
C SER B 30 -9.41 -5.91 -13.74
C SER B 30 -9.40 -5.90 -13.81
N SER B 31 -8.50 -4.93 -13.66
CA SER B 31 -7.10 -5.31 -13.29
C SER B 31 -7.18 -5.82 -11.86
N PHE B 32 -8.03 -5.21 -11.04
CA PHE B 32 -8.12 -5.59 -9.61
C PHE B 32 -8.91 -6.92 -9.43
N GLU B 33 -9.87 -7.17 -10.32
CA GLU B 33 -10.67 -8.39 -10.13
C GLU B 33 -10.11 -9.57 -10.88
N ASN B 34 -9.50 -9.31 -12.03
CA ASN B 34 -9.11 -10.36 -12.93
C ASN B 34 -7.67 -10.27 -13.52
N SER B 35 -6.89 -9.30 -13.05
CA SER B 35 -5.52 -9.12 -13.48
C SER B 35 -5.45 -8.93 -14.98
N SER B 36 -6.39 -8.15 -15.49
CA SER B 36 -6.43 -7.82 -16.93
C SER B 36 -7.03 -6.44 -17.13
N THR B 37 -6.53 -5.63 -18.06
CA THR B 37 -7.29 -4.35 -18.36
C THR B 37 -8.34 -4.62 -19.42
N ASP B 38 -8.44 -5.85 -19.93
CA ASP B 38 -9.42 -6.16 -20.99
C ASP B 38 -10.75 -6.47 -20.32
N TRP B 39 -11.45 -5.41 -19.93
CA TRP B 39 -12.61 -5.59 -19.14
C TRP B 39 -13.76 -6.32 -19.91
N GLN B 40 -13.86 -6.11 -21.25
CA GLN B 40 -14.94 -6.67 -22.04
C GLN B 40 -14.75 -8.18 -22.14
N ALA B 41 -13.59 -8.68 -21.73
CA ALA B 41 -13.35 -10.14 -21.74
C ALA B 41 -13.81 -10.85 -20.46
N GLN B 42 -14.38 -10.11 -19.53
CA GLN B 42 -14.65 -10.64 -18.21
C GLN B 42 -16.13 -10.90 -17.94
N TYR B 43 -17.01 -10.63 -18.89
CA TYR B 43 -18.40 -10.93 -18.62
C TYR B 43 -18.57 -12.44 -18.34
N GLY B 44 -17.78 -13.28 -18.99
CA GLY B 44 -17.93 -14.74 -18.71
C GLY B 44 -17.12 -15.27 -17.56
N TYR B 45 -16.39 -14.41 -16.85
CA TYR B 45 -15.69 -14.86 -15.64
C TYR B 45 -16.67 -15.54 -14.66
N LEU B 46 -16.28 -16.69 -14.14
CA LEU B 46 -17.10 -17.43 -13.15
C LEU B 46 -16.18 -18.38 -12.38
N GLU B 47 -16.04 -18.16 -11.09
CA GLU B 47 -15.10 -18.94 -10.28
C GLU B 47 -15.62 -18.93 -8.84
N ASP B 48 -15.39 -20.04 -8.12
CA ASP B 48 -15.53 -19.96 -6.69
C ASP B 48 -14.14 -19.70 -6.13
N ILE B 49 -13.86 -18.51 -5.66
CA ILE B 49 -12.54 -18.19 -5.16
C ILE B 49 -12.28 -18.59 -3.69
N ALA B 50 -13.21 -19.30 -3.09
CA ALA B 50 -13.01 -19.93 -1.82
C ALA B 50 -12.88 -18.98 -0.63
N ALA B 51 -13.60 -17.88 -0.73
CA ALA B 51 -13.62 -16.92 0.33
C ALA B 51 -14.98 -16.90 1.00
N GLY B 52 -15.89 -17.83 0.67
CA GLY B 52 -17.18 -17.92 1.37
C GLY B 52 -18.39 -17.25 0.70
N ARG B 53 -18.21 -16.75 -0.51
CA ARG B 53 -19.34 -16.09 -1.18
C ARG B 53 -19.87 -16.98 -2.32
N GLY B 54 -19.35 -18.20 -2.47
CA GLY B 54 -19.85 -19.19 -3.46
C GLY B 54 -19.33 -18.86 -4.85
N TYR B 55 -20.20 -18.77 -5.88
CA TYR B 55 -19.67 -18.35 -7.19
C TYR B 55 -19.53 -16.83 -7.23
N THR B 56 -18.41 -16.39 -7.82
CA THR B 56 -18.22 -14.99 -8.14
C THR B 56 -18.20 -14.95 -9.67
N GLY B 57 -18.90 -14.01 -10.28
CA GLY B 57 -18.93 -14.00 -11.73
C GLY B 57 -19.07 -12.62 -12.33
N GLY B 58 -18.70 -12.54 -13.63
CA GLY B 58 -19.03 -11.31 -14.40
C GLY B 58 -18.06 -10.19 -14.09
N LEU B 59 -18.40 -8.99 -14.61
CA LEU B 59 -17.48 -7.84 -14.63
C LEU B 59 -17.00 -7.41 -13.27
N ILE B 60 -17.90 -7.43 -12.31
CA ILE B 60 -17.54 -6.83 -11.01
C ILE B 60 -17.75 -7.84 -9.89
N GLY B 61 -17.85 -9.13 -10.24
CA GLY B 61 -17.85 -10.16 -9.22
C GLY B 61 -19.17 -10.22 -8.47
N PHE B 62 -20.24 -10.30 -9.24
CA PHE B 62 -21.56 -10.69 -8.66
C PHE B 62 -21.37 -12.03 -7.93
N THR B 63 -22.00 -12.22 -6.78
CA THR B 63 -21.82 -13.54 -6.13
C THR B 63 -23.17 -14.28 -5.84
N SER B 64 -23.11 -15.60 -5.82
CA SER B 64 -24.26 -16.42 -5.49
C SER B 64 -24.58 -16.33 -3.99
N GLY B 65 -23.59 -16.02 -3.15
CA GLY B 65 -23.85 -15.97 -1.70
C GLY B 65 -24.52 -14.67 -1.23
N THR B 66 -24.34 -13.56 -1.98
CA THR B 66 -24.75 -12.24 -1.48
C THR B 66 -26.00 -11.68 -2.15
N GLY B 67 -26.60 -12.43 -3.04
CA GLY B 67 -27.83 -11.96 -3.65
C GLY B 67 -27.77 -11.22 -4.97
N ASP B 68 -26.60 -10.69 -5.35
CA ASP B 68 -26.60 -9.88 -6.58
C ASP B 68 -26.48 -10.71 -7.86
N MET B 69 -25.89 -11.91 -7.77
CA MET B 69 -25.97 -12.84 -8.89
C MET B 69 -27.45 -13.23 -9.18
N LEU B 70 -28.22 -13.52 -8.14
CA LEU B 70 -29.62 -13.85 -8.28
C LEU B 70 -30.37 -12.65 -8.86
N GLU B 71 -30.08 -11.45 -8.33
CA GLU B 71 -30.75 -10.28 -8.85
C GLU B 71 -30.45 -10.09 -10.35
N LEU B 72 -29.19 -10.34 -10.75
CA LEU B 72 -28.79 -10.19 -12.16
C LEU B 72 -29.53 -11.20 -13.02
N VAL B 73 -29.56 -12.44 -12.53
CA VAL B 73 -30.11 -13.49 -13.35
C VAL B 73 -31.67 -13.30 -13.50
N ARG B 74 -32.30 -12.84 -12.43
CA ARG B 74 -33.70 -12.45 -12.52
C ARG B 74 -33.95 -11.31 -13.50
N ALA B 75 -33.09 -10.28 -13.51
CA ALA B 75 -33.27 -9.12 -14.43
C ALA B 75 -33.04 -9.62 -15.86
N TYR B 76 -32.03 -10.47 -16.04
CA TYR B 76 -31.75 -11.02 -17.38
C TYR B 76 -32.93 -11.86 -17.91
N SER B 77 -33.56 -12.63 -17.03
CA SER B 77 -34.70 -13.44 -17.44
C SER B 77 -35.89 -12.54 -17.73
N ALA B 78 -35.97 -11.40 -17.05
CA ALA B 78 -37.06 -10.43 -17.31
C ALA B 78 -36.87 -9.89 -18.73
N SER B 79 -35.66 -9.51 -19.08
CA SER B 79 -35.39 -8.91 -20.40
C SER B 79 -35.13 -9.91 -21.53
N SER B 80 -34.86 -11.16 -21.20
CA SER B 80 -34.54 -12.20 -22.18
C SER B 80 -35.13 -13.58 -21.77
N PRO B 81 -36.46 -13.72 -21.88
CA PRO B 81 -37.08 -14.95 -21.37
C PRO B 81 -36.52 -16.22 -22.04
N GLY B 82 -36.30 -17.27 -21.24
CA GLY B 82 -35.91 -18.58 -21.80
C GLY B 82 -34.41 -18.68 -22.07
N ASN B 83 -33.65 -17.67 -21.66
CA ASN B 83 -32.21 -17.74 -21.75
C ASN B 83 -31.71 -19.03 -20.97
N PRO B 84 -30.46 -19.44 -21.22
CA PRO B 84 -29.83 -20.62 -20.58
C PRO B 84 -29.75 -20.57 -19.01
N LEU B 85 -29.72 -19.37 -18.44
CA LEU B 85 -29.55 -19.22 -16.97
C LEU B 85 -30.90 -19.30 -16.22
N GLU B 86 -31.98 -19.03 -16.95
CA GLU B 86 -33.28 -18.91 -16.30
C GLU B 86 -33.68 -20.13 -15.47
N GLN B 87 -33.39 -21.35 -15.94
CA GLN B 87 -33.70 -22.56 -15.21
C GLN B 87 -33.01 -22.72 -13.87
N TYR B 88 -31.98 -21.89 -13.61
CA TYR B 88 -31.13 -21.93 -12.39
C TYR B 88 -31.59 -20.93 -11.37
N ILE B 89 -32.68 -20.19 -11.67
CA ILE B 89 -33.14 -19.22 -10.67
C ILE B 89 -33.53 -19.91 -9.37
N PRO B 90 -34.30 -21.05 -9.45
CA PRO B 90 -34.59 -21.67 -8.16
C PRO B 90 -33.36 -22.10 -7.34
N ALA B 91 -32.29 -22.64 -7.98
CA ALA B 91 -31.10 -22.98 -7.22
C ALA B 91 -30.41 -21.73 -6.63
N LEU B 92 -30.34 -20.66 -7.42
CA LEU B 92 -29.79 -19.37 -6.92
C LEU B 92 -30.60 -18.84 -5.75
N GLU B 93 -31.94 -18.99 -5.80
CA GLU B 93 -32.71 -18.56 -4.62
C GLU B 93 -32.38 -19.45 -3.41
N ALA B 94 -32.17 -20.76 -3.63
CA ALA B 94 -31.92 -21.66 -2.50
C ALA B 94 -30.56 -21.51 -1.84
N VAL B 95 -29.51 -21.23 -2.63
CA VAL B 95 -28.16 -21.06 -2.08
C VAL B 95 -27.86 -19.64 -1.55
N ASN B 96 -28.69 -18.65 -1.91
CA ASN B 96 -28.49 -17.27 -1.50
C ASN B 96 -28.29 -17.24 0.03
N GLY B 97 -27.28 -16.50 0.49
CA GLY B 97 -26.90 -16.40 1.89
C GLY B 97 -25.92 -17.47 2.32
N THR B 98 -25.47 -18.30 1.37
CA THR B 98 -24.54 -19.43 1.66
C THR B 98 -23.58 -19.57 0.48
N ASP B 99 -22.51 -20.30 0.68
CA ASP B 99 -21.54 -20.51 -0.39
C ASP B 99 -21.73 -21.84 -1.07
N SER B 100 -22.90 -22.45 -0.89
CA SER B 100 -23.29 -23.73 -1.59
C SER B 100 -23.34 -23.63 -3.13
N HIS B 101 -22.86 -24.68 -3.82
CA HIS B 101 -23.09 -24.83 -5.24
C HIS B 101 -24.32 -25.70 -5.50
N ALA B 102 -25.04 -26.13 -4.49
CA ALA B 102 -26.12 -27.06 -4.73
C ALA B 102 -27.11 -26.63 -5.83
N GLY B 103 -27.31 -27.49 -6.80
CA GLY B 103 -28.22 -27.21 -7.88
C GLY B 103 -27.66 -26.42 -9.04
N LEU B 104 -26.41 -26.01 -8.92
CA LEU B 104 -25.73 -25.21 -9.91
C LEU B 104 -24.73 -26.11 -10.67
N GLY B 105 -23.46 -26.03 -10.40
CA GLY B 105 -22.51 -26.98 -10.98
C GLY B 105 -22.27 -26.85 -12.46
N GLN B 106 -21.79 -27.90 -13.08
CA GLN B 106 -21.28 -27.78 -14.46
C GLN B 106 -22.38 -27.28 -15.45
N GLY B 107 -23.64 -27.70 -15.27
CA GLY B 107 -24.76 -27.17 -16.12
C GLY B 107 -24.92 -25.64 -16.00
N PHE B 108 -24.79 -25.15 -14.79
CA PHE B 108 -24.87 -23.66 -14.52
C PHE B 108 -23.66 -22.97 -15.12
N GLU B 109 -22.47 -23.55 -14.89
CA GLU B 109 -21.22 -22.97 -15.39
C GLU B 109 -21.27 -22.90 -16.91
N GLN B 110 -21.77 -23.93 -17.57
CA GLN B 110 -21.90 -23.91 -19.04
C GLN B 110 -22.94 -22.89 -19.48
N ALA B 111 -24.04 -22.81 -18.74
CA ALA B 111 -25.13 -21.85 -19.06
C ALA B 111 -24.54 -20.44 -18.97
N TRP B 112 -23.67 -20.15 -17.98
CA TRP B 112 -23.11 -18.82 -17.78
C TRP B 112 -22.18 -18.50 -18.97
N ALA B 113 -21.40 -19.49 -19.40
CA ALA B 113 -20.48 -19.30 -20.53
C ALA B 113 -21.29 -18.98 -21.82
N ASP B 114 -22.35 -19.73 -22.04
CA ASP B 114 -23.27 -19.60 -23.20
C ASP B 114 -23.90 -18.18 -23.16
N ALA B 115 -24.37 -17.80 -21.98
CA ALA B 115 -25.03 -16.50 -21.87
C ALA B 115 -24.03 -15.36 -22.12
N ALA B 116 -22.78 -15.51 -21.68
CA ALA B 116 -21.84 -14.39 -21.81
C ALA B 116 -21.47 -14.09 -23.27
N GLU B 117 -21.78 -15.01 -24.19
CA GLU B 117 -21.56 -14.74 -25.61
C GLU B 117 -22.67 -13.86 -26.18
N THR B 118 -23.69 -13.52 -25.41
CA THR B 118 -24.85 -12.72 -25.95
C THR B 118 -24.78 -11.27 -25.52
N SER B 119 -25.26 -10.37 -26.37
CA SER B 119 -25.27 -8.97 -25.99
C SER B 119 -26.32 -8.77 -24.90
N GLU B 120 -27.35 -9.63 -24.82
CA GLU B 120 -28.41 -9.47 -23.78
C GLU B 120 -27.87 -9.66 -22.36
N PHE B 121 -26.98 -10.65 -22.18
CA PHE B 121 -26.49 -10.90 -20.83
C PHE B 121 -25.47 -9.84 -20.45
N ARG B 122 -24.70 -9.40 -21.44
N ARG B 122 -24.66 -9.45 -21.43
CA ARG B 122 -23.73 -8.33 -21.20
CA ARG B 122 -23.72 -8.37 -21.21
C ARG B 122 -24.44 -7.04 -20.85
C ARG B 122 -24.50 -7.13 -20.77
N ALA B 123 -25.59 -6.82 -21.46
CA ALA B 123 -26.39 -5.63 -21.15
C ALA B 123 -26.97 -5.75 -19.75
N ALA B 124 -27.38 -6.94 -19.33
CA ALA B 124 -27.96 -7.15 -17.98
C ALA B 124 -26.84 -6.92 -16.94
N GLN B 125 -25.61 -7.39 -17.21
CA GLN B 125 -24.50 -7.12 -16.25
C GLN B 125 -24.18 -5.61 -16.17
N ASP B 126 -24.21 -4.94 -17.31
CA ASP B 126 -23.90 -3.51 -17.36
C ASP B 126 -24.98 -2.80 -16.55
N ALA B 127 -26.23 -3.23 -16.70
CA ALA B 127 -27.34 -2.53 -16.01
C ALA B 127 -27.27 -2.71 -14.51
N GLU B 128 -27.00 -3.92 -14.05
N GLU B 128 -26.98 -3.92 -14.07
CA GLU B 128 -26.82 -4.12 -12.60
CA GLU B 128 -26.80 -4.18 -12.66
C GLU B 128 -25.63 -3.33 -12.06
C GLU B 128 -25.62 -3.41 -12.05
N ARG B 129 -24.50 -3.40 -12.75
CA ARG B 129 -23.33 -2.58 -12.40
C ARG B 129 -23.72 -1.11 -12.22
N ASP B 130 -24.44 -0.57 -13.18
CA ASP B 130 -24.74 0.86 -13.19
C ASP B 130 -25.80 1.22 -12.13
N ARG B 131 -26.78 0.38 -11.95
N ARG B 131 -26.76 0.37 -11.96
CA ARG B 131 -27.76 0.68 -10.94
CA ARG B 131 -27.76 0.65 -10.96
C ARG B 131 -27.26 0.61 -9.51
C ARG B 131 -27.26 0.60 -9.52
N VAL B 132 -26.55 -0.46 -9.18
CA VAL B 132 -26.19 -0.73 -7.79
C VAL B 132 -24.86 -0.12 -7.40
N TYR B 133 -23.92 -0.05 -8.37
CA TYR B 133 -22.50 0.29 -8.02
C TYR B 133 -22.06 1.60 -8.68
N PHE B 134 -22.20 1.72 -10.00
CA PHE B 134 -21.52 2.87 -10.63
C PHE B 134 -22.31 4.18 -10.48
N ASP B 135 -23.60 4.13 -10.80
CA ASP B 135 -24.36 5.42 -10.73
C ASP B 135 -24.38 5.95 -9.27
N PRO B 136 -24.58 5.07 -8.26
CA PRO B 136 -24.46 5.61 -6.90
C PRO B 136 -23.13 6.21 -6.55
N ALA B 137 -22.01 5.59 -7.03
CA ALA B 137 -20.70 6.16 -6.78
C ALA B 137 -20.53 7.53 -7.39
N VAL B 138 -20.93 7.68 -8.64
CA VAL B 138 -20.76 8.91 -9.37
C VAL B 138 -21.68 9.97 -8.72
N ALA B 139 -22.92 9.61 -8.46
CA ALA B 139 -23.84 10.64 -7.88
C ALA B 139 -23.38 11.14 -6.52
N GLN B 140 -23.01 10.20 -5.66
CA GLN B 140 -22.55 10.58 -4.33
C GLN B 140 -21.24 11.29 -4.38
N GLY B 141 -20.34 10.87 -5.31
CA GLY B 141 -19.07 11.64 -5.37
C GLY B 141 -19.32 13.10 -5.83
N LYS B 142 -20.19 13.32 -6.82
N LYS B 142 -20.19 13.30 -6.83
CA LYS B 142 -20.50 14.68 -7.25
CA LYS B 142 -20.52 14.66 -7.30
C LYS B 142 -21.10 15.48 -6.11
C LYS B 142 -21.15 15.49 -6.18
N ALA B 143 -21.98 14.86 -5.34
CA ALA B 143 -22.66 15.59 -4.25
C ALA B 143 -21.61 16.01 -3.20
N ASP B 144 -20.55 15.20 -3.03
CA ASP B 144 -19.47 15.48 -2.12
C ASP B 144 -18.37 16.38 -2.71
N GLY B 145 -18.59 16.84 -3.91
CA GLY B 145 -17.66 17.73 -4.60
C GLY B 145 -16.40 17.06 -5.10
N LEU B 146 -16.50 15.76 -5.34
CA LEU B 146 -15.25 15.04 -5.73
C LEU B 146 -15.02 15.02 -7.25
N SER B 147 -13.73 14.97 -7.60
CA SER B 147 -13.24 14.68 -8.93
C SER B 147 -13.51 13.27 -9.40
N ALA B 148 -13.17 13.02 -10.67
CA ALA B 148 -13.30 11.65 -11.21
C ALA B 148 -12.53 10.65 -10.38
N LEU B 149 -11.35 11.02 -9.89
CA LEU B 149 -10.56 10.12 -9.08
C LEU B 149 -11.35 9.78 -7.79
N GLY B 150 -11.97 10.78 -7.13
CA GLY B 150 -12.75 10.50 -5.87
C GLY B 150 -13.97 9.66 -6.20
N GLN B 151 -14.65 9.97 -7.34
CA GLN B 151 -15.77 9.13 -7.77
C GLN B 151 -15.31 7.67 -7.97
N PHE B 152 -14.12 7.50 -8.55
CA PHE B 152 -13.60 6.15 -8.71
C PHE B 152 -13.29 5.47 -7.37
N ALA B 153 -12.79 6.25 -6.41
CA ALA B 153 -12.57 5.64 -5.07
C ALA B 153 -13.90 5.11 -4.52
N TYR B 154 -14.99 5.85 -4.72
CA TYR B 154 -16.29 5.42 -4.17
C TYR B 154 -16.75 4.17 -4.97
N TYR B 155 -16.58 4.17 -6.31
CA TYR B 155 -16.96 3.02 -7.15
C TYR B 155 -16.23 1.74 -6.71
N ASP B 156 -14.93 1.83 -6.52
CA ASP B 156 -14.16 0.64 -6.13
C ASP B 156 -14.61 0.14 -4.76
N THR B 157 -15.02 1.07 -3.93
CA THR B 157 -15.46 0.69 -2.58
C THR B 157 -16.74 -0.04 -2.69
N LEU B 158 -17.65 0.50 -3.50
CA LEU B 158 -18.95 -0.21 -3.70
C LEU B 158 -18.79 -1.59 -4.29
N VAL B 159 -17.92 -1.73 -5.31
CA VAL B 159 -17.59 -3.04 -5.91
C VAL B 159 -17.13 -4.03 -4.84
N VAL B 160 -16.27 -3.60 -3.91
CA VAL B 160 -15.65 -4.58 -3.00
C VAL B 160 -16.57 -4.82 -1.79
N HIS B 161 -17.06 -3.73 -1.23
CA HIS B 161 -17.80 -3.80 0.04
C HIS B 161 -19.31 -3.81 -0.07
N GLY B 162 -19.83 -3.35 -1.23
CA GLY B 162 -21.25 -3.33 -1.48
C GLY B 162 -21.89 -2.09 -0.88
N PRO B 163 -23.17 -1.87 -1.23
CA PRO B 163 -23.91 -0.71 -0.68
C PRO B 163 -24.42 -1.04 0.71
N GLY B 164 -24.78 -0.01 1.45
CA GLY B 164 -25.39 -0.23 2.77
C GLY B 164 -24.88 0.77 3.80
N SER B 165 -25.61 0.93 4.91
CA SER B 165 -25.13 1.89 5.89
C SER B 165 -24.24 1.27 6.98
N GLN B 166 -24.16 -0.07 7.04
CA GLN B 166 -23.28 -0.73 8.01
C GLN B 166 -21.83 -0.28 7.90
N ARG B 167 -21.11 -0.40 9.01
N ARG B 167 -21.10 -0.41 9.01
CA ARG B 167 -19.74 0.05 9.14
CA ARG B 167 -19.71 0.05 9.13
C ARG B 167 -18.79 -0.51 8.08
C ARG B 167 -18.84 -0.47 7.99
N ASP B 168 -19.10 -1.71 7.59
CA ASP B 168 -18.23 -2.36 6.59
C ASP B 168 -18.77 -2.30 5.16
N ALA B 169 -19.82 -1.52 4.96
CA ALA B 169 -20.31 -1.23 3.58
C ALA B 169 -19.94 0.18 3.18
N PHE B 170 -20.26 0.52 1.93
CA PHE B 170 -19.84 1.82 1.40
C PHE B 170 -20.35 3.02 2.23
N GLY B 171 -21.60 2.95 2.66
CA GLY B 171 -22.19 4.09 3.33
C GLY B 171 -21.52 4.28 4.65
N GLY B 172 -21.20 3.16 5.33
CA GLY B 172 -20.44 3.27 6.59
C GLY B 172 -19.01 3.77 6.43
N ILE B 173 -18.37 3.36 5.34
CA ILE B 173 -17.02 3.79 5.09
C ILE B 173 -16.96 5.28 4.77
N ARG B 174 -17.86 5.76 3.93
CA ARG B 174 -17.97 7.18 3.68
C ARG B 174 -18.30 7.95 4.98
N ALA B 175 -19.21 7.43 5.79
CA ALA B 175 -19.55 8.15 7.03
C ALA B 175 -18.33 8.32 7.93
N GLU B 176 -17.50 7.27 8.00
CA GLU B 176 -16.28 7.32 8.76
C GLU B 176 -15.31 8.36 8.21
N ALA B 177 -15.15 8.41 6.88
CA ALA B 177 -14.33 9.45 6.25
C ALA B 177 -14.79 10.87 6.60
N LEU B 178 -16.07 11.11 6.48
CA LEU B 178 -16.66 12.43 6.76
C LEU B 178 -16.45 12.86 8.21
N SER B 179 -16.33 11.85 9.08
N SER B 179 -16.35 11.89 9.11
CA SER B 179 -16.15 12.12 10.51
CA SER B 179 -16.15 12.26 10.51
C SER B 179 -14.73 12.59 10.80
C SER B 179 -14.72 12.73 10.73
N ALA B 180 -13.81 12.25 9.88
CA ALA B 180 -12.39 12.55 9.95
C ALA B 180 -11.96 13.77 9.15
N ALA B 181 -12.69 14.10 8.07
CA ALA B 181 -12.25 15.14 7.15
C ALA B 181 -13.44 15.72 6.39
N LEU B 182 -13.45 17.04 6.22
CA LEU B 182 -14.53 17.64 5.43
C LEU B 182 -14.41 17.27 3.95
N PRO B 183 -15.55 17.00 3.30
CA PRO B 183 -15.43 16.82 1.84
C PRO B 183 -15.24 18.16 1.14
N PRO B 184 -14.84 18.13 -0.13
CA PRO B 184 -14.68 19.39 -0.93
C PRO B 184 -15.91 20.27 -1.05
N SER B 185 -17.08 19.64 -1.03
CA SER B 185 -18.37 20.33 -1.12
C SER B 185 -18.54 21.27 0.10
N GLN B 186 -17.93 20.92 1.23
CA GLN B 186 -17.91 21.80 2.42
C GLN B 186 -16.59 22.52 2.62
N GLY B 187 -15.79 22.63 1.58
CA GLY B 187 -14.59 23.46 1.62
C GLY B 187 -13.38 22.63 2.07
N GLY B 188 -13.53 21.30 2.16
CA GLY B 188 -12.38 20.48 2.57
C GLY B 188 -11.40 20.30 1.43
N ASP B 189 -10.12 20.15 1.74
CA ASP B 189 -9.16 19.75 0.73
C ASP B 189 -9.41 18.31 0.22
N GLU B 190 -9.42 18.15 -1.11
CA GLU B 190 -9.77 16.84 -1.68
C GLU B 190 -8.72 15.78 -1.30
N THR B 191 -7.45 16.12 -1.30
CA THR B 191 -6.40 15.14 -0.97
C THR B 191 -6.62 14.69 0.48
N GLU B 192 -6.79 15.67 1.39
CA GLU B 192 -7.04 15.23 2.79
C GLU B 192 -8.27 14.32 2.96
N TYR B 193 -9.37 14.65 2.24
CA TYR B 193 -10.58 13.86 2.32
C TYR B 193 -10.32 12.42 1.79
N LEU B 194 -9.74 12.33 0.60
CA LEU B 194 -9.51 11.00 0.00
C LEU B 194 -8.51 10.18 0.84
N GLU B 195 -7.50 10.83 1.41
CA GLU B 195 -6.60 10.07 2.32
C GLU B 195 -7.42 9.54 3.49
N ALA B 196 -8.34 10.34 4.03
CA ALA B 196 -9.20 9.84 5.13
C ALA B 196 -10.13 8.71 4.69
N PHE B 197 -10.61 8.81 3.46
CA PHE B 197 -11.48 7.79 2.94
C PHE B 197 -10.67 6.48 2.71
N PHE B 198 -9.51 6.57 2.08
CA PHE B 198 -8.69 5.35 1.86
C PHE B 198 -8.35 4.71 3.21
N ASP B 199 -8.05 5.56 4.22
CA ASP B 199 -7.67 5.02 5.53
C ASP B 199 -8.82 4.37 6.24
N ALA B 200 -10.04 4.94 6.10
CA ALA B 200 -11.27 4.28 6.61
C ALA B 200 -11.52 2.95 5.94
N ARG B 201 -11.30 2.87 4.62
CA ARG B 201 -11.47 1.64 3.92
C ARG B 201 -10.43 0.60 4.38
N ASN B 202 -9.19 1.04 4.51
CA ASN B 202 -8.12 0.18 4.95
C ASN B 202 -8.46 -0.47 6.31
N VAL B 203 -9.06 0.28 7.24
CA VAL B 203 -9.51 -0.37 8.52
C VAL B 203 -10.38 -1.61 8.22
N ILE B 204 -11.42 -1.38 7.43
CA ILE B 204 -12.35 -2.43 7.04
C ILE B 204 -11.68 -3.58 6.30
N MET B 205 -10.92 -3.28 5.22
CA MET B 205 -10.42 -4.29 4.25
C MET B 205 -9.61 -5.33 5.03
N ARG B 206 -8.92 -4.85 6.08
CA ARG B 206 -8.04 -5.70 6.89
C ARG B 206 -8.81 -6.84 7.57
N GLU B 207 -10.12 -6.68 7.74
CA GLU B 207 -10.84 -7.59 8.62
C GLU B 207 -11.36 -8.84 7.91
N GLU B 208 -11.14 -8.95 6.60
CA GLU B 208 -11.36 -10.21 5.88
C GLU B 208 -10.12 -10.70 5.09
N PRO B 209 -9.62 -11.94 5.38
CA PRO B 209 -8.39 -12.46 4.72
C PRO B 209 -8.27 -12.31 3.17
N ALA B 210 -9.32 -12.61 2.39
CA ALA B 210 -9.27 -12.41 0.93
C ALA B 210 -9.14 -10.93 0.52
N HIS B 211 -9.74 -10.03 1.32
CA HIS B 211 -9.52 -8.58 1.13
C HIS B 211 -8.28 -8.03 1.88
N ALA B 212 -7.53 -8.88 2.56
CA ALA B 212 -6.41 -8.41 3.30
C ALA B 212 -5.40 -7.70 2.36
N ASP B 213 -5.31 -8.11 1.08
CA ASP B 213 -4.41 -7.43 0.14
C ASP B 213 -5.06 -6.08 -0.23
N THR B 214 -4.34 -5.00 0.01
CA THR B 214 -4.94 -3.69 -0.26
C THR B 214 -4.17 -3.01 -1.40
N SER B 215 -3.47 -3.78 -2.22
CA SER B 215 -2.75 -3.12 -3.29
C SER B 215 -3.65 -2.36 -4.31
N ARG B 216 -4.95 -2.74 -4.43
CA ARG B 216 -5.79 -1.96 -5.38
C ARG B 216 -5.93 -0.53 -4.89
N ILE B 217 -5.78 -0.34 -3.56
CA ILE B 217 -5.70 1.00 -3.05
C ILE B 217 -4.25 1.51 -3.09
N ASP B 218 -3.34 0.77 -2.48
CA ASP B 218 -2.03 1.32 -2.18
C ASP B 218 -1.13 1.56 -3.39
N THR B 219 -1.22 0.71 -4.41
CA THR B 219 -0.35 0.87 -5.56
C THR B 219 -1.08 1.33 -6.84
N ALA B 220 -2.32 1.79 -6.67
CA ALA B 220 -3.08 2.27 -7.76
C ALA B 220 -3.73 3.60 -7.33
N GLN B 221 -4.84 3.49 -6.63
CA GLN B 221 -5.55 4.69 -6.20
C GLN B 221 -4.71 5.74 -5.46
N ARG B 222 -3.95 5.31 -4.46
CA ARG B 222 -3.12 6.24 -3.74
C ARG B 222 -2.06 6.85 -4.61
N VAL B 223 -1.58 6.11 -5.60
CA VAL B 223 -0.57 6.63 -6.48
C VAL B 223 -1.19 7.71 -7.36
N PHE B 224 -2.41 7.49 -7.87
CA PHE B 224 -3.05 8.51 -8.70
C PHE B 224 -3.23 9.77 -7.85
N LEU B 225 -3.60 9.59 -6.59
CA LEU B 225 -3.79 10.79 -5.75
C LEU B 225 -2.43 11.51 -5.50
N GLN B 226 -1.37 10.73 -5.26
CA GLN B 226 -0.01 11.34 -5.01
C GLN B 226 0.44 12.12 -6.26
N ASN B 227 0.00 11.68 -7.42
CA ASN B 227 0.42 12.25 -8.71
C ASN B 227 -0.45 13.47 -9.00
N GLY B 228 -1.49 13.69 -8.23
CA GLY B 228 -2.44 14.79 -8.50
C GLY B 228 -3.33 14.55 -9.72
N ASN B 229 -3.55 13.28 -10.09
CA ASN B 229 -4.36 12.95 -11.31
C ASN B 229 -5.84 12.89 -10.93
N PHE B 230 -6.39 14.06 -10.62
CA PHE B 230 -7.77 14.11 -10.13
C PHE B 230 -8.77 13.76 -11.21
N ASP B 231 -8.45 14.01 -12.46
CA ASP B 231 -9.36 13.69 -13.54
C ASP B 231 -9.18 12.26 -14.07
N LEU B 232 -8.27 11.54 -13.45
CA LEU B 232 -8.03 10.17 -13.79
C LEU B 232 -7.74 10.06 -15.28
N GLU B 233 -6.87 10.94 -15.77
CA GLU B 233 -6.55 11.11 -17.21
C GLU B 233 -5.43 10.20 -17.60
N ARG B 234 -5.54 9.67 -18.81
CA ARG B 234 -4.47 8.84 -19.38
C ARG B 234 -3.36 9.78 -19.90
N PRO B 235 -2.16 9.28 -20.01
CA PRO B 235 -1.73 7.92 -19.76
C PRO B 235 -1.67 7.63 -18.27
N LEU B 236 -2.07 6.41 -17.95
CA LEU B 236 -2.22 6.00 -16.58
C LEU B 236 -1.40 4.73 -16.37
N THR B 237 -0.59 4.66 -15.31
CA THR B 237 0.14 3.43 -15.01
C THR B 237 -0.10 3.08 -13.54
N TRP B 238 -0.19 1.80 -13.21
CA TRP B 238 -0.40 1.41 -11.81
C TRP B 238 0.01 -0.01 -11.62
N SER B 239 -0.05 -0.48 -10.37
N SER B 239 -0.01 -0.50 -10.38
CA SER B 239 0.19 -1.91 -10.15
CA SER B 239 0.15 -1.95 -10.22
C SER B 239 -0.91 -2.44 -9.26
C SER B 239 -0.78 -2.50 -9.18
N VAL B 240 -1.17 -3.75 -9.35
CA VAL B 240 -1.97 -4.42 -8.35
C VAL B 240 -1.45 -5.85 -8.31
N TYR B 241 -1.37 -6.38 -7.09
CA TYR B 241 -0.81 -7.75 -6.87
C TYR B 241 0.59 -7.93 -7.45
N GLY B 242 1.36 -6.83 -7.54
CA GLY B 242 2.72 -6.88 -8.03
C GLY B 242 2.89 -6.86 -9.52
N ASP B 243 1.78 -6.76 -10.26
CA ASP B 243 1.88 -6.67 -11.70
C ASP B 243 1.61 -5.23 -12.15
N GLN B 244 2.33 -4.78 -13.19
CA GLN B 244 2.13 -3.40 -13.66
C GLN B 244 1.16 -3.33 -14.85
N TYR B 245 0.35 -2.28 -14.93
CA TYR B 245 -0.63 -2.06 -15.98
C TYR B 245 -0.50 -0.64 -16.51
N SER B 246 -0.85 -0.40 -17.78
N SER B 246 -1.00 -0.39 -17.71
CA SER B 246 -0.81 0.97 -18.38
CA SER B 246 -1.06 0.98 -18.18
C SER B 246 -1.95 1.15 -19.36
C SER B 246 -2.21 1.08 -19.15
N LEU B 247 -2.63 2.30 -19.34
CA LEU B 247 -3.65 2.63 -20.35
C LEU B 247 -3.22 3.87 -21.09
N ASN B 248 -3.35 3.87 -22.42
CA ASN B 248 -3.18 5.11 -23.16
C ASN B 248 -4.46 5.38 -24.05
C1 GCS C . 15.05 9.12 11.99
C2 GCS C . 16.16 9.43 13.03
C3 GCS C . 15.89 8.68 14.35
C4 GCS C . 14.44 8.94 14.74
C5 GCS C . 13.43 8.76 13.59
C6 GCS C . 11.99 9.13 13.93
N2 GCS C . 17.47 9.10 12.51
O1 GCS C . 15.22 9.87 10.82
O3 GCS C . 16.70 9.19 15.43
O4 GCS C . 13.97 8.08 15.74
O5 GCS C . 13.80 9.60 12.49
O6 GCS C . 11.90 10.50 14.43
C1 GCS C . 14.07 8.45 17.09
C2 GCS C . 13.09 7.63 17.96
C3 GCS C . 13.27 8.03 19.41
C4 GCS C . 14.77 7.87 19.76
C5 GCS C . 15.67 8.67 18.80
C6 GCS C . 17.17 8.52 19.08
N2 GCS C . 11.71 7.70 17.53
O3 GCS C . 12.42 7.17 20.23
O4 GCS C . 15.03 8.31 21.09
O5 GCS C . 15.42 8.18 17.49
O6 GCS C . 17.71 7.50 18.25
C1 GCS D . 12.20 11.07 -9.38
C2 GCS D . 13.49 10.94 -8.57
C3 GCS D . 13.15 10.35 -7.20
C4 GCS D . 12.18 11.21 -6.42
C5 GCS D . 11.00 11.74 -7.27
C6 GCS D . 10.64 13.14 -6.82
N2 GCS D . 14.34 9.99 -9.23
O1 GCS D . 12.46 11.67 -10.68
O3 GCS D . 14.40 10.25 -6.51
O4 GCS D . 11.71 10.71 -5.26
O5 GCS D . 11.25 11.87 -8.67
O6 GCS D . 9.46 13.03 -6.00
C1 GCS D . 12.23 11.23 -4.02
C2 GCS D . 11.30 10.92 -2.90
C3 GCS D . 11.84 11.45 -1.58
C4 GCS D . 13.29 10.92 -1.38
C5 GCS D . 14.16 11.17 -2.62
C6 GCS D . 15.59 10.56 -2.54
N2 GCS D . 10.01 11.61 -3.22
O3 GCS D . 11.05 11.08 -0.46
O4 GCS D . 13.86 11.56 -0.33
O5 GCS D . 13.58 10.70 -3.80
O6 GCS D . 15.40 9.15 -2.40
C1 GCS D . 14.17 10.84 0.84
C2 GCS D . 15.09 11.68 1.76
C3 GCS D . 15.35 10.86 3.02
C4 GCS D . 13.98 10.52 3.62
C5 GCS D . 13.06 9.85 2.61
C6 GCS D . 11.61 9.59 3.00
N2 GCS D . 16.36 11.95 1.08
O3 GCS D . 16.12 11.63 3.94
O4 GCS D . 14.16 9.67 4.74
O5 GCS D . 12.95 10.66 1.50
O6 GCS D . 11.19 10.69 3.83
C1 GCS E . 0.80 -12.73 -9.82
C2 GCS E . -0.41 -12.92 -10.78
C3 GCS E . -1.62 -12.22 -10.12
C4 GCS E . -1.94 -12.83 -8.77
C5 GCS E . -0.67 -12.83 -7.88
C6 GCS E . -0.86 -13.68 -6.66
N2 GCS E . -0.17 -12.36 -12.10
O1 GCS E . 1.93 -13.40 -10.40
O3 GCS E . -2.73 -12.40 -10.97
O4 GCS E . -2.77 -12.11 -7.96
O5 GCS E . 0.44 -13.37 -8.60
O6 GCS E . 0.18 -13.30 -5.73
C1 GCS E . -4.14 -12.57 -7.80
C2 GCS E . -4.72 -11.96 -6.54
C3 GCS E . -6.16 -12.44 -6.40
C4 GCS E . -6.93 -12.05 -7.68
C5 GCS E . -6.23 -12.68 -8.91
C6 GCS E . -6.83 -12.28 -10.29
N2 GCS E . -3.84 -12.32 -5.38
O3 GCS E . -6.72 -11.79 -5.28
O4 GCS E . -8.17 -12.67 -7.58
O5 GCS E . -4.87 -12.21 -8.97
O6 GCS E . -6.88 -10.89 -10.30
C1 GCS E . -9.26 -11.79 -7.51
C2 GCS E . -10.55 -12.55 -7.72
C3 GCS E . -11.72 -11.57 -7.43
C4 GCS E . -11.63 -11.02 -6.02
C5 GCS E . -10.26 -10.34 -5.88
C6 GCS E . -9.97 -9.76 -4.51
N2 GCS E . -10.56 -13.07 -9.11
O3 GCS E . -12.92 -12.30 -7.66
O4 GCS E . -12.67 -10.02 -5.72
O5 GCS E . -9.22 -11.35 -6.13
O6 GCS E . -10.24 -10.84 -3.58
C1 GCS F . -14.48 -8.92 -4.28
C2 GCS F . -15.23 -8.94 -5.61
C3 GCS F . -16.72 -9.24 -5.46
C4 GCS F . -17.38 -9.11 -4.06
C5 GCS F . -16.31 -8.89 -2.98
C6 GCS F . -16.64 -9.37 -1.61
N2 GCS F . -15.10 -7.71 -6.24
O3 GCS F . -16.91 -10.55 -5.89
O4 GCS F . -18.50 -9.23 -4.01
O5 GCS F . -15.17 -9.64 -3.30
C1 GCS F . -19.41 -8.33 -3.45
C2 GCS F . -20.82 -8.54 -3.97
C3 GCS F . -21.79 -7.61 -3.23
C4 GCS F . -21.54 -7.53 -1.71
C5 GCS F . -20.06 -7.55 -1.37
C6 GCS F . -19.89 -7.75 0.11
N2 GCS F . -20.94 -8.35 -5.40
O3 GCS F . -23.08 -8.11 -3.48
O4 GCS F . -22.16 -6.60 -1.13
O5 GCS F . -19.40 -8.55 -2.08
O6 GCS F . -20.20 -9.11 0.41
C1 GCS F . -23.44 -6.70 -0.51
C2 GCS F . -23.75 -5.53 0.44
C3 GCS F . -25.01 -5.97 1.12
C4 GCS F . -26.09 -5.92 0.05
C5 GCS F . -25.79 -6.88 -1.12
C6 GCS F . -26.75 -6.71 -2.29
N2 GCS F . -22.70 -4.98 1.38
O3 GCS F . -25.32 -5.04 2.16
O4 GCS F . -27.38 -6.14 0.62
O5 GCS F . -24.43 -6.72 -1.58
O6 GCS F . -26.43 -5.51 -3.00
O ACT G . 11.27 17.00 17.77
OXT ACT G . 12.63 17.88 16.23
CH3 ACT G . 12.03 15.55 16.12
C1 GOL H . -20.88 -2.18 -23.40
O1 GOL H . -20.60 -2.19 -21.97
C2 GOL H . -20.54 -3.47 -24.14
O2 GOL H . -19.80 -4.40 -23.32
C3 GOL H . -21.84 -4.04 -24.74
O3 GOL H . -21.78 -5.36 -25.35
#